data_5ZHZ
#
_entry.id   5ZHZ
#
_cell.length_a   48.638
_cell.length_b   55.269
_cell.length_c   102.939
_cell.angle_alpha   90.00
_cell.angle_beta   90.00
_cell.angle_gamma   90.00
#
_symmetry.space_group_name_H-M   'P 21 21 21'
#
loop_
_entity.id
_entity.type
_entity.pdbx_description
1 polymer 'Probable endonuclease 4'
2 non-polymer 'SULFATE ION'
3 non-polymer 'ZINC ION'
4 water water
#
_entity_poly.entity_id   1
_entity_poly.type   'polypeptide(L)'
_entity_poly.pdbx_seq_one_letter_code
;MLIGSHVSPTDPLAAAEAEGADVVQIFLGNPQSWKAPKPRDDAAALKAATLPIYVHAPYLINLASANNRVRIPSRKILQE
TCAAAADIGAAAVIVHGGHVADDNDIDKGFQRWRKALDRLETEVPVYLENTAGGDHAMARRFDTIARLWDVIGDTGIGFC
LDTCHTWAAGEALTDAVDRIKAITGRIDLVHCNDSRDEAGSGRDRHANLGSGQIDPDLLVAAVKAAGAPVICETADQGRK
DDIAFLRERTGSHHHHHH
;
_entity_poly.pdbx_strand_id   A
#
loop_
_chem_comp.id
_chem_comp.type
_chem_comp.name
_chem_comp.formula
SO4 non-polymer 'SULFATE ION' 'O4 S -2'
ZN non-polymer 'ZINC ION' 'Zn 2'
#
# COMPACT_ATOMS: atom_id res chain seq x y z
N MET A 1 7.82 9.64 13.45
CA MET A 1 7.62 8.32 12.83
C MET A 1 8.76 8.03 11.86
N LEU A 2 8.92 6.78 11.47
CA LEU A 2 9.89 6.39 10.47
C LEU A 2 9.39 6.86 9.10
N ILE A 3 10.29 7.41 8.30
CA ILE A 3 9.95 7.93 7.00
C ILE A 3 10.91 7.36 5.99
N GLY A 4 10.40 6.83 4.88
CA GLY A 4 11.27 6.24 3.88
C GLY A 4 10.59 6.26 2.52
N SER A 5 10.95 5.30 1.69
CA SER A 5 10.62 5.39 0.28
C SER A 5 10.47 3.99 -0.32
N HIS A 6 9.79 3.96 -1.46
CA HIS A 6 9.79 2.78 -2.28
C HIS A 6 10.98 2.80 -3.21
N VAL A 7 11.82 1.74 -3.12
CA VAL A 7 13.12 1.64 -3.78
C VAL A 7 13.14 0.42 -4.67
N SER A 8 14.12 0.40 -5.56
CA SER A 8 14.32 -0.76 -6.38
C SER A 8 14.66 -1.98 -5.51
N PRO A 9 14.31 -3.18 -5.96
CA PRO A 9 14.65 -4.38 -5.20
C PRO A 9 16.13 -4.72 -5.20
N THR A 10 16.94 -4.01 -5.97
CA THR A 10 18.30 -4.47 -6.20
C THR A 10 19.18 -4.47 -4.94
N ASP A 11 19.15 -3.43 -4.15
CA ASP A 11 20.02 -3.33 -2.98
C ASP A 11 19.36 -2.41 -1.99
N PRO A 12 18.31 -2.88 -1.31
CA PRO A 12 17.50 -1.99 -0.47
C PRO A 12 18.31 -1.25 0.57
N LEU A 13 19.32 -1.88 1.14
CA LEU A 13 20.05 -1.22 2.21
C LEU A 13 20.85 -0.04 1.64
N ALA A 14 21.46 -0.18 0.46
CA ALA A 14 22.21 0.94 -0.12
C ALA A 14 21.27 2.05 -0.55
N ALA A 15 20.13 1.68 -1.15
CA ALA A 15 19.17 2.70 -1.53
C ALA A 15 18.64 3.46 -0.33
N ALA A 16 18.35 2.76 0.77
CA ALA A 16 17.84 3.46 1.94
C ALA A 16 18.85 4.49 2.41
N GLU A 17 20.12 4.10 2.48
CA GLU A 17 21.12 5.05 2.94
C GLU A 17 21.26 6.23 1.99
N ALA A 18 21.23 5.96 0.68
CA ALA A 18 21.32 7.06 -0.27
C ALA A 18 20.15 8.02 -0.15
N GLU A 19 18.98 7.55 0.22
CA GLU A 19 17.79 8.40 0.30
C GLU A 19 17.53 8.94 1.69
N GLY A 20 18.35 8.59 2.69
CA GLY A 20 18.07 8.97 4.06
C GLY A 20 16.78 8.37 4.57
N ALA A 21 16.46 7.15 4.13
CA ALA A 21 15.22 6.47 4.49
C ALA A 21 15.41 5.61 5.73
N ASP A 22 14.46 5.67 6.65
CA ASP A 22 14.43 4.84 7.83
C ASP A 22 13.79 3.51 7.60
N VAL A 23 13.02 3.40 6.53
CA VAL A 23 12.28 2.20 6.15
C VAL A 23 12.21 2.25 4.64
N VAL A 24 12.03 1.09 4.02
CA VAL A 24 11.83 1.07 2.57
C VAL A 24 10.71 0.10 2.23
N GLN A 25 10.22 0.21 0.99
CA GLN A 25 9.25 -0.73 0.46
C GLN A 25 9.75 -1.17 -0.92
N ILE A 26 9.62 -2.47 -1.22
CA ILE A 26 10.05 -3.03 -2.50
C ILE A 26 8.99 -3.98 -3.03
N PHE A 27 9.04 -4.22 -4.32
CA PHE A 27 8.47 -5.42 -4.93
C PHE A 27 9.50 -6.51 -4.96
N LEU A 28 9.04 -7.76 -4.84
CA LEU A 28 9.98 -8.88 -4.92
C LEU A 28 10.38 -9.19 -6.36
N GLY A 29 9.49 -8.92 -7.32
CA GLY A 29 9.65 -9.29 -8.71
C GLY A 29 9.17 -8.13 -9.55
N ASN A 30 8.81 -8.43 -10.77
CA ASN A 30 8.25 -7.41 -11.64
C ASN A 30 6.89 -7.07 -11.05
N PRO A 31 6.59 -5.79 -10.82
CA PRO A 31 5.30 -5.46 -10.21
C PRO A 31 4.07 -5.97 -10.97
N GLN A 32 4.17 -6.19 -12.29
CA GLN A 32 3.04 -6.55 -13.16
C GLN A 32 3.05 -8.00 -13.61
N SER A 33 3.77 -8.86 -12.90
CA SER A 33 3.97 -10.22 -13.37
C SER A 33 3.25 -11.24 -12.49
N TRP A 34 2.91 -12.37 -13.10
CA TRP A 34 2.30 -13.52 -12.42
C TRP A 34 3.29 -14.60 -12.06
N LYS A 35 4.57 -14.39 -12.32
CA LYS A 35 5.57 -15.40 -11.98
C LYS A 35 5.84 -15.38 -10.47
N ALA A 36 6.08 -16.55 -9.92
CA ALA A 36 6.31 -16.60 -8.49
C ALA A 36 7.58 -15.82 -8.12
N PRO A 37 7.61 -15.14 -6.97
CA PRO A 37 8.84 -14.44 -6.56
C PRO A 37 9.95 -15.45 -6.38
N LYS A 38 11.15 -15.06 -6.81
CA LYS A 38 12.36 -15.89 -6.85
C LYS A 38 13.15 -15.70 -5.55
N PRO A 39 13.75 -16.73 -4.98
CA PRO A 39 14.59 -16.52 -3.78
C PRO A 39 15.77 -15.62 -4.08
N ARG A 40 16.23 -14.90 -3.06
CA ARG A 40 17.31 -13.94 -3.22
C ARG A 40 18.58 -14.44 -2.58
N ASP A 41 19.71 -14.20 -3.22
CA ASP A 41 20.96 -14.62 -2.61
C ASP A 41 21.29 -13.83 -1.36
N ASP A 42 20.70 -12.66 -1.18
CA ASP A 42 20.95 -11.83 -0.01
C ASP A 42 19.91 -11.99 1.09
N ALA A 43 19.09 -13.05 1.06
CA ALA A 43 17.99 -13.13 1.99
C ALA A 43 18.46 -13.08 3.45
N ALA A 44 19.50 -13.85 3.80
CA ALA A 44 19.92 -13.88 5.19
C ALA A 44 20.39 -12.51 5.66
N ALA A 45 21.07 -11.77 4.79
CA ALA A 45 21.52 -10.43 5.16
C ALA A 45 20.37 -9.47 5.35
N LEU A 46 19.37 -9.53 4.47
CA LEU A 46 18.18 -8.70 4.66
C LEU A 46 17.46 -9.08 5.94
N LYS A 47 17.34 -10.37 6.22
CA LYS A 47 16.60 -10.77 7.41
C LYS A 47 17.33 -10.32 8.67
N ALA A 48 18.66 -10.34 8.67
CA ALA A 48 19.43 -9.93 9.83
C ALA A 48 19.47 -8.41 10.01
N ALA A 49 19.28 -7.64 8.95
CA ALA A 49 19.47 -6.20 9.03
C ALA A 49 18.35 -5.55 9.83
N THR A 50 18.66 -4.38 10.40
CA THR A 50 17.67 -3.69 11.20
C THR A 50 16.68 -2.90 10.35
N LEU A 51 17.05 -2.52 9.12
CA LEU A 51 16.18 -1.69 8.29
C LEU A 51 14.85 -2.39 8.05
N PRO A 52 13.72 -1.79 8.40
CA PRO A 52 12.42 -2.44 8.07
C PRO A 52 12.15 -2.33 6.59
N ILE A 53 11.79 -3.47 6.00
CA ILE A 53 11.49 -3.58 4.57
C ILE A 53 10.04 -4.03 4.45
N TYR A 54 9.22 -3.21 3.82
CA TYR A 54 7.85 -3.56 3.49
C TYR A 54 7.86 -4.13 2.08
N VAL A 55 6.97 -5.09 1.81
CA VAL A 55 6.86 -5.74 0.52
C VAL A 55 5.52 -5.41 -0.10
N HIS A 56 5.52 -4.83 -1.29
CA HIS A 56 4.30 -4.62 -2.02
C HIS A 56 3.97 -5.86 -2.85
N ALA A 57 2.78 -6.43 -2.67
CA ALA A 57 2.39 -7.59 -3.46
C ALA A 57 2.12 -7.16 -4.91
N PRO A 58 2.29 -8.06 -5.87
CA PRO A 58 2.08 -7.71 -7.29
C PRO A 58 0.72 -7.06 -7.54
N TYR A 59 0.71 -6.08 -8.45
CA TYR A 59 -0.45 -5.24 -8.71
C TYR A 59 -1.64 -6.01 -9.27
N LEU A 60 -1.41 -7.14 -9.95
CA LEU A 60 -2.51 -7.86 -10.57
C LEU A 60 -3.32 -8.70 -9.62
N ILE A 61 -2.91 -8.83 -8.39
CA ILE A 61 -3.70 -9.60 -7.42
C ILE A 61 -5.05 -8.94 -7.29
N ASN A 62 -6.12 -9.70 -7.55
CA ASN A 62 -7.48 -9.21 -7.37
C ASN A 62 -8.26 -10.26 -6.61
N LEU A 63 -8.27 -10.14 -5.28
CA LEU A 63 -8.92 -11.18 -4.47
C LEU A 63 -10.42 -11.12 -4.61
N ALA A 64 -10.97 -10.02 -5.14
CA ALA A 64 -12.42 -9.86 -5.25
C ALA A 64 -12.96 -10.37 -6.59
N SER A 65 -12.13 -10.80 -7.51
CA SER A 65 -12.61 -11.11 -8.86
C SER A 65 -13.56 -12.31 -8.86
N ALA A 66 -14.61 -12.17 -9.65
CA ALA A 66 -15.51 -13.30 -9.93
C ALA A 66 -14.85 -14.29 -10.87
N ASN A 67 -13.83 -13.87 -11.63
CA ASN A 67 -13.16 -14.73 -12.58
C ASN A 67 -12.23 -15.68 -11.86
N ASN A 68 -12.53 -16.97 -11.93
CA ASN A 68 -11.70 -17.96 -11.25
C ASN A 68 -10.26 -17.92 -11.74
N ARG A 69 -10.06 -17.56 -13.02
CA ARG A 69 -8.73 -17.53 -13.61
C ARG A 69 -7.94 -16.35 -13.10
N VAL A 70 -8.59 -15.42 -12.40
CA VAL A 70 -7.91 -14.33 -11.69
C VAL A 70 -7.82 -14.63 -10.22
N ARG A 71 -8.95 -15.02 -9.62
CA ARG A 71 -9.02 -15.11 -8.17
C ARG A 71 -8.08 -16.18 -7.65
N ILE A 72 -8.02 -17.33 -8.32
CA ILE A 72 -7.23 -18.43 -7.82
C ILE A 72 -5.74 -18.12 -7.94
N PRO A 73 -5.23 -17.67 -9.10
CA PRO A 73 -3.83 -17.25 -9.14
C PRO A 73 -3.51 -16.08 -8.23
N SER A 74 -4.48 -15.17 -8.01
CA SER A 74 -4.25 -14.08 -7.07
C SER A 74 -3.97 -14.61 -5.67
N ARG A 75 -4.79 -15.55 -5.19
CA ARG A 75 -4.52 -16.10 -3.86
C ARG A 75 -3.16 -16.78 -3.83
N LYS A 76 -2.80 -17.48 -4.89
CA LYS A 76 -1.54 -18.22 -4.88
C LYS A 76 -0.34 -17.29 -4.85
N ILE A 77 -0.35 -16.25 -5.68
CA ILE A 77 0.78 -15.32 -5.66
C ILE A 77 0.81 -14.53 -4.37
N LEU A 78 -0.35 -14.24 -3.75
CA LEU A 78 -0.29 -13.58 -2.46
C LEU A 78 0.36 -14.50 -1.44
N GLN A 79 0.02 -15.80 -1.43
CA GLN A 79 0.68 -16.76 -0.53
C GLN A 79 2.17 -16.77 -0.76
N GLU A 80 2.57 -16.86 -2.03
CA GLU A 80 3.99 -16.91 -2.34
C GLU A 80 4.70 -15.63 -1.93
N THR A 81 4.02 -14.49 -2.11
CA THR A 81 4.60 -13.20 -1.71
C THR A 81 4.81 -13.17 -0.20
N CYS A 82 3.83 -13.64 0.58
CA CYS A 82 3.99 -13.62 2.03
C CYS A 82 5.12 -14.53 2.48
N ALA A 83 5.26 -15.69 1.83
CA ALA A 83 6.36 -16.59 2.18
C ALA A 83 7.70 -15.95 1.85
N ALA A 84 7.81 -15.33 0.67
CA ALA A 84 9.05 -14.69 0.25
C ALA A 84 9.36 -13.48 1.12
N ALA A 85 8.34 -12.76 1.56
CA ALA A 85 8.54 -11.65 2.49
C ALA A 85 9.08 -12.14 3.82
N ALA A 86 8.53 -13.25 4.34
CA ALA A 86 9.05 -13.80 5.58
C ALA A 86 10.51 -14.20 5.40
N ASP A 87 10.88 -14.71 4.22
CA ASP A 87 12.26 -15.14 3.97
C ASP A 87 13.27 -13.98 4.09
N ILE A 88 12.84 -12.75 3.86
CA ILE A 88 13.72 -11.60 4.00
C ILE A 88 13.45 -10.83 5.28
N GLY A 89 12.63 -11.38 6.17
CA GLY A 89 12.35 -10.70 7.41
C GLY A 89 11.57 -9.41 7.24
N ALA A 90 10.62 -9.37 6.29
CA ALA A 90 9.88 -8.16 5.98
C ALA A 90 8.98 -7.74 7.13
N ALA A 91 8.70 -6.44 7.17
CA ALA A 91 7.81 -5.87 8.18
C ALA A 91 6.36 -6.20 7.91
N ALA A 92 5.91 -6.12 6.66
CA ALA A 92 4.52 -6.39 6.29
C ALA A 92 4.47 -6.51 4.77
N VAL A 93 3.34 -7.04 4.29
CA VAL A 93 3.00 -7.12 2.87
C VAL A 93 1.80 -6.23 2.61
N ILE A 94 1.84 -5.44 1.54
CA ILE A 94 0.77 -4.53 1.17
C ILE A 94 0.10 -5.06 -0.08
N VAL A 95 -1.23 -5.11 -0.08
CA VAL A 95 -1.98 -5.58 -1.25
C VAL A 95 -3.13 -4.63 -1.51
N HIS A 96 -3.37 -4.33 -2.77
CA HIS A 96 -4.47 -3.45 -3.15
C HIS A 96 -5.82 -4.12 -2.91
N GLY A 97 -6.85 -3.26 -2.75
CA GLY A 97 -8.20 -3.76 -2.49
C GLY A 97 -8.84 -4.58 -3.61
N GLY A 98 -8.43 -4.42 -4.84
CA GLY A 98 -9.07 -5.20 -5.91
C GLY A 98 -10.42 -4.60 -6.29
N HIS A 99 -11.17 -5.36 -7.08
CA HIS A 99 -12.38 -4.81 -7.70
C HIS A 99 -13.22 -5.96 -8.26
N VAL A 100 -14.47 -5.64 -8.61
CA VAL A 100 -15.33 -6.58 -9.31
C VAL A 100 -15.58 -6.05 -10.72
N ALA A 101 -16.43 -6.73 -11.49
CA ALA A 101 -16.54 -6.41 -12.90
C ALA A 101 -17.63 -5.40 -13.17
N ASP A 102 -18.57 -5.21 -12.25
CA ASP A 102 -19.72 -4.36 -12.43
C ASP A 102 -20.29 -4.09 -11.04
N ASP A 103 -21.09 -3.03 -10.93
CA ASP A 103 -21.50 -2.60 -9.60
C ASP A 103 -22.39 -3.62 -8.90
N ASN A 104 -23.06 -4.50 -9.65
CA ASN A 104 -23.97 -5.43 -8.99
C ASN A 104 -23.25 -6.47 -8.18
N ASP A 105 -21.96 -6.63 -8.37
CA ASP A 105 -21.23 -7.75 -7.78
C ASP A 105 -20.40 -7.34 -6.56
N ILE A 106 -20.58 -6.12 -6.05
CA ILE A 106 -19.70 -5.61 -4.99
C ILE A 106 -19.78 -6.46 -3.73
N ASP A 107 -21.00 -6.81 -3.27
CA ASP A 107 -21.11 -7.58 -2.04
C ASP A 107 -20.46 -8.95 -2.16
N LYS A 108 -20.59 -9.59 -3.33
CA LYS A 108 -19.90 -10.85 -3.52
C LYS A 108 -18.38 -10.68 -3.47
N GLY A 109 -17.89 -9.55 -3.97
CA GLY A 109 -16.46 -9.29 -3.88
C GLY A 109 -15.97 -9.23 -2.45
N PHE A 110 -16.78 -8.67 -1.53
CA PHE A 110 -16.35 -8.65 -0.12
C PHE A 110 -16.22 -10.08 0.42
N GLN A 111 -17.18 -10.95 0.06
CA GLN A 111 -17.14 -12.32 0.57
C GLN A 111 -15.93 -13.07 0.01
N ARG A 112 -15.53 -12.77 -1.24
CA ARG A 112 -14.34 -13.42 -1.80
C ARG A 112 -13.09 -12.96 -1.05
N TRP A 113 -13.05 -11.69 -0.63
CA TRP A 113 -11.95 -11.23 0.21
C TRP A 113 -11.90 -12.00 1.51
N ARG A 114 -13.05 -12.22 2.14
CA ARG A 114 -13.05 -12.96 3.39
C ARG A 114 -12.57 -14.38 3.16
N LYS A 115 -13.02 -15.03 2.07
CA LYS A 115 -12.59 -16.39 1.80
C LYS A 115 -11.09 -16.45 1.60
N ALA A 116 -10.52 -15.48 0.89
CA ALA A 116 -9.07 -15.46 0.73
C ALA A 116 -8.37 -15.34 2.07
N LEU A 117 -8.86 -14.44 2.94
CA LEU A 117 -8.24 -14.26 4.25
C LEU A 117 -8.40 -15.51 5.11
N ASP A 118 -9.50 -16.26 4.93
CA ASP A 118 -9.67 -17.48 5.68
C ASP A 118 -8.68 -18.58 5.29
N ARG A 119 -8.00 -18.43 4.15
CA ARG A 119 -7.06 -19.41 3.63
C ARG A 119 -5.65 -18.87 3.59
N LEU A 120 -5.44 -17.60 3.96
CA LEU A 120 -4.14 -16.96 3.82
C LEU A 120 -3.17 -17.56 4.82
N GLU A 121 -1.99 -17.88 4.34
CA GLU A 121 -0.86 -18.34 5.14
C GLU A 121 0.19 -17.25 5.20
N THR A 122 0.35 -16.61 6.37
CA THR A 122 1.40 -15.60 6.47
C THR A 122 2.00 -15.54 7.86
N GLU A 123 3.31 -15.33 7.88
CA GLU A 123 4.03 -15.06 9.10
C GLU A 123 4.29 -13.59 9.30
N VAL A 124 3.86 -12.76 8.34
CA VAL A 124 4.03 -11.31 8.45
C VAL A 124 2.68 -10.67 8.21
N PRO A 125 2.43 -9.51 8.78
CA PRO A 125 1.12 -8.89 8.62
C PRO A 125 0.88 -8.44 7.21
N VAL A 126 -0.39 -8.39 6.85
CA VAL A 126 -0.85 -7.94 5.54
C VAL A 126 -1.72 -6.72 5.74
N TYR A 127 -1.48 -5.69 4.92
CA TYR A 127 -2.28 -4.46 4.93
C TYR A 127 -2.97 -4.29 3.59
N LEU A 128 -4.24 -3.92 3.62
CA LEU A 128 -5.00 -3.56 2.43
C LEU A 128 -4.76 -2.09 2.15
N GLU A 129 -4.47 -1.77 0.88
CA GLU A 129 -4.28 -0.39 0.45
C GLU A 129 -5.46 0.08 -0.40
N ASN A 130 -5.90 1.32 -0.14
CA ASN A 130 -6.92 1.94 -0.98
C ASN A 130 -6.38 2.24 -2.37
N THR A 131 -7.30 2.37 -3.35
CA THR A 131 -6.93 2.49 -4.76
C THR A 131 -7.51 3.75 -5.38
N ALA A 132 -7.00 4.09 -6.57
CA ALA A 132 -7.26 5.39 -7.18
C ALA A 132 -8.41 5.44 -8.16
N GLY A 133 -8.56 4.42 -9.01
CA GLY A 133 -9.36 4.55 -10.21
C GLY A 133 -10.80 4.07 -10.05
N GLY A 134 -11.68 4.56 -10.93
CA GLY A 134 -13.06 4.08 -10.99
C GLY A 134 -13.11 2.74 -11.67
N ASP A 135 -13.31 1.70 -10.87
CA ASP A 135 -13.12 0.35 -11.37
C ASP A 135 -14.06 -0.65 -10.69
N HIS A 136 -15.17 -0.19 -10.11
CA HIS A 136 -15.98 -1.06 -9.23
C HIS A 136 -15.11 -1.64 -8.13
N ALA A 137 -14.34 -0.75 -7.50
CA ALA A 137 -13.31 -1.14 -6.54
C ALA A 137 -13.90 -1.55 -5.21
N MET A 138 -13.14 -2.38 -4.50
CA MET A 138 -13.45 -2.68 -3.10
C MET A 138 -13.04 -1.54 -2.18
N ALA A 139 -12.06 -0.71 -2.58
CA ALA A 139 -11.45 0.19 -1.62
C ALA A 139 -10.98 1.47 -2.29
N ARG A 140 -11.78 2.01 -3.21
CA ARG A 140 -11.53 3.34 -3.72
C ARG A 140 -12.24 4.39 -2.89
N ARG A 141 -13.58 4.33 -2.89
CA ARG A 141 -14.35 5.26 -2.10
C ARG A 141 -14.48 4.75 -0.66
N PHE A 142 -14.45 5.70 0.26
CA PHE A 142 -14.50 5.34 1.67
C PHE A 142 -15.83 4.67 2.04
N ASP A 143 -16.93 5.02 1.37
CA ASP A 143 -18.19 4.33 1.63
C ASP A 143 -18.07 2.84 1.31
N THR A 144 -17.34 2.51 0.25
CA THR A 144 -17.15 1.10 -0.08
C THR A 144 -16.26 0.43 0.95
N ILE A 145 -15.20 1.12 1.40
CA ILE A 145 -14.32 0.54 2.43
C ILE A 145 -15.14 0.23 3.67
N ALA A 146 -16.10 1.09 4.03
CA ALA A 146 -16.90 0.81 5.22
C ALA A 146 -17.67 -0.50 5.04
N ARG A 147 -18.25 -0.72 3.86
CA ARG A 147 -19.00 -1.96 3.63
C ARG A 147 -18.05 -3.16 3.59
N LEU A 148 -16.86 -3.00 3.00
CA LEU A 148 -15.87 -4.07 2.99
C LEU A 148 -15.48 -4.45 4.42
N TRP A 149 -15.23 -3.45 5.25
CA TRP A 149 -14.74 -3.70 6.59
C TRP A 149 -15.79 -4.39 7.45
N ASP A 150 -17.08 -4.18 7.15
CA ASP A 150 -18.12 -4.94 7.84
C ASP A 150 -17.95 -6.43 7.59
N VAL A 151 -17.33 -6.82 6.49
CA VAL A 151 -17.12 -8.22 6.15
C VAL A 151 -15.78 -8.74 6.60
N ILE A 152 -14.69 -7.96 6.46
CA ILE A 152 -13.33 -8.47 6.72
C ILE A 152 -12.69 -7.87 7.95
N GLY A 153 -13.35 -6.93 8.63
CA GLY A 153 -12.69 -6.20 9.69
C GLY A 153 -12.24 -7.04 10.88
N ASP A 154 -12.83 -8.21 11.10
CA ASP A 154 -12.48 -9.03 12.26
C ASP A 154 -11.35 -10.01 11.98
N THR A 155 -10.76 -9.95 10.79
CA THR A 155 -9.76 -10.93 10.36
C THR A 155 -8.37 -10.55 10.79
N GLY A 156 -8.17 -9.35 11.32
CA GLY A 156 -6.82 -8.90 11.62
C GLY A 156 -6.14 -8.16 10.50
N ILE A 157 -6.75 -8.05 9.33
CA ILE A 157 -6.15 -7.33 8.20
C ILE A 157 -5.86 -5.89 8.58
N GLY A 158 -4.70 -5.37 8.17
CA GLY A 158 -4.36 -3.98 8.43
C GLY A 158 -4.74 -3.09 7.27
N PHE A 159 -4.31 -1.82 7.37
CA PHE A 159 -4.73 -0.82 6.36
C PHE A 159 -3.59 0.13 6.07
N CYS A 160 -3.34 0.35 4.78
CA CYS A 160 -2.36 1.30 4.29
C CYS A 160 -3.10 2.40 3.54
N LEU A 161 -2.95 3.64 3.99
CA LEU A 161 -3.59 4.78 3.36
C LEU A 161 -2.62 5.43 2.37
N ASP A 162 -3.02 5.49 1.09
CA ASP A 162 -2.22 6.14 0.07
C ASP A 162 -2.87 7.49 -0.23
N THR A 163 -2.11 8.58 -0.02
CA THR A 163 -2.68 9.91 -0.18
C THR A 163 -2.98 10.26 -1.63
N CYS A 164 -2.18 9.78 -2.58
CA CYS A 164 -2.50 10.04 -3.98
C CYS A 164 -3.80 9.35 -4.35
N HIS A 165 -3.96 8.11 -3.90
CA HIS A 165 -5.17 7.36 -4.22
C HIS A 165 -6.39 8.05 -3.64
N THR A 166 -6.27 8.52 -2.40
CA THR A 166 -7.36 9.22 -1.72
C THR A 166 -7.77 10.43 -2.55
N TRP A 167 -6.78 11.22 -2.96
CA TRP A 167 -7.03 12.39 -3.77
C TRP A 167 -7.69 12.04 -5.09
N ALA A 168 -7.16 11.02 -5.79
CA ALA A 168 -7.70 10.60 -7.08
C ALA A 168 -9.12 10.03 -6.95
N ALA A 169 -9.45 9.50 -5.78
CA ALA A 169 -10.77 8.95 -5.52
C ALA A 169 -11.81 10.05 -5.29
N GLY A 170 -11.40 11.31 -5.12
CA GLY A 170 -12.33 12.35 -4.77
C GLY A 170 -12.62 12.48 -3.29
N GLU A 171 -11.88 11.78 -2.44
CA GLU A 171 -12.04 11.91 -0.99
C GLU A 171 -11.21 13.09 -0.49
N ALA A 172 -11.72 13.81 0.50
CA ALA A 172 -11.00 14.97 1.02
C ALA A 172 -9.84 14.52 1.89
N LEU A 173 -8.65 15.14 1.69
CA LEU A 173 -7.54 14.80 2.55
C LEU A 173 -7.64 15.42 3.92
N THR A 174 -8.39 16.51 4.08
CA THR A 174 -8.40 17.20 5.36
C THR A 174 -8.81 16.31 6.51
N ASP A 175 -9.81 15.45 6.32
CA ASP A 175 -10.23 14.54 7.38
C ASP A 175 -10.16 13.08 6.96
N ALA A 176 -9.30 12.75 6.00
CA ALA A 176 -9.25 11.37 5.51
C ALA A 176 -8.85 10.43 6.63
N VAL A 177 -7.85 10.79 7.41
CA VAL A 177 -7.41 9.89 8.47
C VAL A 177 -8.54 9.64 9.45
N ASP A 178 -9.24 10.69 9.87
CA ASP A 178 -10.34 10.51 10.82
C ASP A 178 -11.42 9.60 10.22
N ARG A 179 -11.75 9.79 8.95
CA ARG A 179 -12.81 9.02 8.34
C ARG A 179 -12.41 7.58 8.15
N ILE A 180 -11.17 7.31 7.74
CA ILE A 180 -10.74 5.94 7.59
C ILE A 180 -10.74 5.24 8.93
N LYS A 181 -10.18 5.91 9.97
CA LYS A 181 -10.09 5.26 11.28
C LYS A 181 -11.46 5.04 11.90
N ALA A 182 -12.45 5.87 11.59
CA ALA A 182 -13.80 5.57 12.06
C ALA A 182 -14.30 4.26 11.50
N ILE A 183 -13.79 3.84 10.34
CA ILE A 183 -14.15 2.58 9.73
C ILE A 183 -13.25 1.45 10.21
N THR A 184 -11.94 1.60 10.02
CA THR A 184 -11.04 0.48 10.22
C THR A 184 -10.44 0.44 11.61
N GLY A 185 -10.53 1.54 12.35
CA GLY A 185 -9.85 1.66 13.61
C GLY A 185 -8.35 1.74 13.53
N ARG A 186 -7.77 1.73 12.32
CA ARG A 186 -6.31 1.59 12.20
C ARG A 186 -5.77 2.13 10.87
N ILE A 187 -4.58 2.74 10.92
CA ILE A 187 -3.74 2.95 9.74
C ILE A 187 -2.35 2.49 10.12
N ASP A 188 -1.89 1.44 9.47
CA ASP A 188 -0.63 0.79 9.79
C ASP A 188 0.54 1.34 9.00
N LEU A 189 0.28 1.98 7.88
CA LEU A 189 1.31 2.48 7.00
C LEU A 189 0.67 3.58 6.18
N VAL A 190 1.41 4.66 5.90
CA VAL A 190 0.94 5.69 4.97
C VAL A 190 1.85 5.71 3.76
N HIS A 191 1.27 5.74 2.58
CA HIS A 191 2.00 6.04 1.36
C HIS A 191 1.78 7.52 1.10
N CYS A 192 2.82 8.32 1.31
CA CYS A 192 2.70 9.76 1.20
C CYS A 192 3.20 10.20 -0.18
N ASN A 193 2.25 10.36 -1.08
CA ASN A 193 2.47 10.68 -2.50
C ASN A 193 1.70 11.94 -2.87
N ASP A 194 2.36 12.85 -3.59
CA ASP A 194 1.60 13.89 -4.27
C ASP A 194 1.01 13.26 -5.55
N SER A 195 0.19 14.02 -6.27
CA SER A 195 -0.47 13.52 -7.49
C SER A 195 -0.26 14.54 -8.61
N ARG A 196 -0.01 14.05 -9.82
CA ARG A 196 0.12 14.95 -10.96
C ARG A 196 -1.22 15.45 -11.47
N ASP A 197 -2.32 14.95 -10.94
CA ASP A 197 -3.65 15.17 -11.47
C ASP A 197 -4.54 15.89 -10.47
N GLU A 198 -5.66 16.40 -10.98
CA GLU A 198 -6.61 17.10 -10.13
C GLU A 198 -7.36 16.12 -9.21
N ALA A 199 -7.95 16.69 -8.15
CA ALA A 199 -8.74 15.88 -7.23
C ALA A 199 -9.84 15.16 -8.00
N GLY A 200 -10.03 13.88 -7.67
CA GLY A 200 -11.10 13.08 -8.27
C GLY A 200 -10.81 12.62 -9.68
N SER A 201 -9.57 12.76 -10.17
CA SER A 201 -9.29 12.41 -11.55
C SER A 201 -9.49 10.93 -11.84
N GLY A 202 -9.35 10.05 -10.84
CA GLY A 202 -9.33 8.63 -11.10
C GLY A 202 -8.10 8.14 -11.80
N ARG A 203 -7.07 8.98 -11.96
CA ARG A 203 -5.78 8.56 -12.50
C ARG A 203 -4.80 8.39 -11.34
N ASP A 204 -3.77 7.59 -11.55
CA ASP A 204 -2.80 7.29 -10.48
C ASP A 204 -1.41 7.64 -10.98
N ARG A 205 -1.05 8.90 -10.88
CA ARG A 205 0.27 9.38 -11.32
C ARG A 205 0.90 10.10 -10.15
N HIS A 206 1.79 9.40 -9.47
CA HIS A 206 2.39 10.00 -8.27
C HIS A 206 3.30 11.15 -8.67
N ALA A 207 3.52 12.04 -7.72
CA ALA A 207 4.46 13.14 -7.91
C ALA A 207 5.26 13.33 -6.65
N ASN A 208 6.50 13.82 -6.82
CA ASN A 208 7.28 14.27 -5.67
C ASN A 208 6.52 15.40 -5.00
N LEU A 209 6.78 15.56 -3.70
CA LEU A 209 5.97 16.47 -2.90
C LEU A 209 6.20 17.89 -3.35
N GLY A 210 5.12 18.55 -3.74
CA GLY A 210 5.20 19.88 -4.28
C GLY A 210 5.28 19.94 -5.79
N SER A 211 5.53 18.83 -6.48
CA SER A 211 5.58 18.82 -7.93
C SER A 211 4.23 18.53 -8.53
N GLY A 212 3.26 18.13 -7.71
CA GLY A 212 1.93 17.81 -8.18
C GLY A 212 0.92 18.84 -7.72
N GLN A 213 -0.31 18.41 -7.52
CA GLN A 213 -1.44 19.30 -7.28
C GLN A 213 -1.93 19.27 -5.84
N ILE A 214 -1.35 18.46 -4.98
CA ILE A 214 -1.82 18.37 -3.60
C ILE A 214 -0.98 19.30 -2.75
N ASP A 215 -1.64 20.21 -2.06
CA ASP A 215 -0.97 21.08 -1.08
C ASP A 215 -0.15 20.22 -0.12
N PRO A 216 1.19 20.43 -0.06
CA PRO A 216 1.99 19.58 0.84
C PRO A 216 1.56 19.64 2.28
N ASP A 217 1.01 20.78 2.74
CA ASP A 217 0.54 20.81 4.11
C ASP A 217 -0.57 19.80 4.38
N LEU A 218 -1.42 19.48 3.38
CA LEU A 218 -2.44 18.46 3.58
C LEU A 218 -1.78 17.09 3.81
N LEU A 219 -0.70 16.83 3.07
CA LEU A 219 0.03 15.56 3.20
C LEU A 219 0.71 15.47 4.55
N VAL A 220 1.38 16.54 4.99
CA VAL A 220 2.00 16.54 6.31
C VAL A 220 0.94 16.30 7.39
N ALA A 221 -0.19 17.00 7.29
CA ALA A 221 -1.20 16.86 8.33
C ALA A 221 -1.73 15.43 8.37
N ALA A 222 -1.92 14.79 7.20
CA ALA A 222 -2.42 13.42 7.19
C ALA A 222 -1.38 12.49 7.83
N VAL A 223 -0.10 12.70 7.50
CA VAL A 223 0.96 11.88 8.09
C VAL A 223 0.97 12.03 9.61
N LYS A 224 0.85 13.25 10.10
CA LYS A 224 0.83 13.46 11.54
C LYS A 224 -0.41 12.84 12.20
N ALA A 225 -1.57 12.97 11.56
CA ALA A 225 -2.79 12.42 12.15
C ALA A 225 -2.72 10.90 12.22
N ALA A 226 -2.15 10.27 11.19
CA ALA A 226 -2.09 8.80 11.21
C ALA A 226 -1.02 8.30 12.18
N GLY A 227 0.12 8.97 12.24
CA GLY A 227 1.20 8.57 13.11
C GLY A 227 1.99 7.37 12.67
N ALA A 228 1.66 6.79 11.53
CA ALA A 228 2.22 5.53 11.07
C ALA A 228 3.55 5.77 10.37
N PRO A 229 4.35 4.72 10.19
CA PRO A 229 5.51 4.82 9.28
C PRO A 229 5.02 5.23 7.89
N VAL A 230 5.91 5.90 7.16
CA VAL A 230 5.59 6.51 5.88
C VAL A 230 6.51 6.01 4.78
N ILE A 231 5.92 5.69 3.64
CA ILE A 231 6.63 5.39 2.39
C ILE A 231 6.28 6.47 1.37
N CYS A 232 7.30 7.16 0.86
CA CYS A 232 7.12 8.01 -0.32
C CYS A 232 7.32 7.15 -1.57
N GLU A 233 6.29 7.03 -2.39
CA GLU A 233 6.35 6.22 -3.60
C GLU A 233 6.47 7.15 -4.81
N THR A 234 7.54 7.95 -4.79
CA THR A 234 7.69 9.06 -5.70
C THR A 234 8.92 8.86 -6.58
N ALA A 235 9.07 9.74 -7.56
CA ALA A 235 10.13 9.57 -8.55
C ALA A 235 11.49 9.67 -7.90
N ASP A 236 12.41 8.89 -8.44
CA ASP A 236 13.72 8.65 -7.81
C ASP A 236 14.44 9.93 -7.44
N GLN A 237 14.55 10.89 -8.37
CA GLN A 237 15.47 12.00 -8.13
C GLN A 237 15.02 12.85 -6.95
N GLY A 238 13.72 13.05 -6.77
CA GLY A 238 13.18 13.92 -5.75
C GLY A 238 12.91 13.25 -4.41
N ARG A 239 13.17 11.96 -4.32
CA ARG A 239 12.72 11.19 -3.17
C ARG A 239 13.47 11.50 -1.88
N LYS A 240 14.80 11.69 -1.96
CA LYS A 240 15.55 12.08 -0.76
C LYS A 240 14.97 13.36 -0.16
N ASP A 241 14.68 14.35 -1.02
CA ASP A 241 14.13 15.58 -0.50
C ASP A 241 12.71 15.39 0.04
N ASP A 242 11.91 14.55 -0.61
CA ASP A 242 10.56 14.25 -0.08
C ASP A 242 10.65 13.75 1.36
N ILE A 243 11.53 12.78 1.59
CA ILE A 243 11.70 12.19 2.91
C ILE A 243 12.18 13.24 3.88
N ALA A 244 13.20 14.02 3.47
CA ALA A 244 13.77 15.01 4.37
C ALA A 244 12.75 16.07 4.76
N PHE A 245 11.90 16.46 3.79
CA PHE A 245 10.84 17.43 4.05
C PHE A 245 9.88 16.89 5.10
N LEU A 246 9.39 15.67 4.88
CA LEU A 246 8.45 15.12 5.86
C LEU A 246 9.10 14.97 7.22
N ARG A 247 10.35 14.52 7.24
CA ARG A 247 11.05 14.34 8.51
C ARG A 247 11.11 15.64 9.29
N GLU A 248 11.46 16.72 8.61
CA GLU A 248 11.58 18.01 9.29
C GLU A 248 10.21 18.52 9.72
N ARG A 249 9.18 18.37 8.86
CA ARG A 249 7.86 18.89 9.16
C ARG A 249 7.15 18.11 10.23
N THR A 250 7.57 16.88 10.51
CA THR A 250 6.93 16.07 11.55
C THR A 250 7.76 15.99 12.81
N GLY A 251 8.92 16.64 12.84
CA GLY A 251 9.78 16.57 14.01
C GLY A 251 10.40 15.20 14.22
N SER A 252 10.50 14.39 13.18
CA SER A 252 11.11 13.07 13.29
C SER A 252 12.64 13.20 13.20
S SO4 B . -13.57 -20.12 -4.41
O1 SO4 B . -12.55 -20.70 -3.50
O2 SO4 B . -13.47 -18.67 -4.30
O3 SO4 B . -14.91 -20.58 -3.99
O4 SO4 B . -13.32 -20.53 -5.81
S SO4 C . -15.57 2.84 -8.02
O1 SO4 C . -15.41 4.28 -8.30
O2 SO4 C . -14.26 2.16 -8.11
O3 SO4 C . -16.39 2.29 -9.07
O4 SO4 C . -16.20 2.62 -6.72
S SO4 D . 0.89 2.43 -5.87
O1 SO4 D . 2.33 2.23 -6.11
O2 SO4 D . 0.61 3.46 -4.82
O3 SO4 D . 0.16 1.19 -5.62
O4 SO4 D . 0.28 3.05 -7.08
ZN ZN E . 0.13 0.15 -3.79
ZN ZN F . 0.64 3.24 -2.66
ZN ZN G . -0.55 4.82 -6.86
#